data_3OA7
#
_entry.id   3OA7
#
_cell.length_a   58.760
_cell.length_b   198.563
_cell.length_c   53.232
_cell.angle_alpha   90.00
_cell.angle_beta   90.00
_cell.angle_gamma   90.00
#
_symmetry.space_group_name_H-M   'C 2 2 21'
#
loop_
_entity.id
_entity.type
_entity.pdbx_description
1 polymer 'Head morphogenesis protein, Chaotic nuclear migration protein 67 fusion protein'
2 water water
#
_entity_poly.entity_id   1
_entity_poly.type   'polypeptide(L)'
_entity_poly.pdbx_seq_one_letter_code
;GGSGPLKPEEHEDILNKLLDPELAQSERTEALQQLRVNYGSFVSEYNDLTKSHNTLSKELDNLRSRFGNLEGNTSERITI
KNILQSRPDISAEECNFL(MSE)VEQIDSANLTTLQNTVKEIVLAVGIPYPKLRRKIPLLAIKLKYENI(MSE)LSNFAQ
RLHRQVYSQE(MSE)NLKKFTDQAYYDF(MSE)STRR(MSE)DSIDHHLERCLDHLYDHILEK(MSE)VK
;
_entity_poly.pdbx_strand_id   A
#
# COMPACT_ATOMS: atom_id res chain seq x y z
N GLY A 4 -21.68 -22.11 33.97
CA GLY A 4 -22.25 -20.73 33.80
C GLY A 4 -23.69 -20.60 34.29
N PRO A 5 -24.36 -19.47 33.94
CA PRO A 5 -25.79 -19.30 34.31
C PRO A 5 -26.69 -20.51 33.93
N LEU A 6 -27.83 -20.67 34.60
CA LEU A 6 -28.74 -21.75 34.28
C LEU A 6 -29.46 -21.51 32.93
N LYS A 7 -29.58 -22.57 32.14
CA LYS A 7 -30.46 -22.55 30.97
C LYS A 7 -31.88 -22.19 31.42
N PRO A 8 -32.65 -21.53 30.52
CA PRO A 8 -34.08 -21.18 30.73
C PRO A 8 -34.87 -22.32 31.38
N GLU A 9 -34.72 -23.53 30.86
CA GLU A 9 -35.39 -24.72 31.40
C GLU A 9 -34.96 -25.10 32.84
N GLU A 10 -33.71 -24.80 33.23
CA GLU A 10 -33.25 -25.09 34.61
C GLU A 10 -33.79 -24.06 35.62
N HIS A 11 -33.66 -22.78 35.25
CA HIS A 11 -34.31 -21.72 35.97
C HIS A 11 -35.81 -22.03 36.20
N GLU A 12 -36.51 -22.35 35.11
CA GLU A 12 -37.93 -22.61 35.18
C GLU A 12 -38.31 -23.74 36.13
N ASP A 13 -37.45 -24.76 36.23
CA ASP A 13 -37.69 -25.86 37.16
C ASP A 13 -37.66 -25.39 38.61
N ILE A 14 -36.68 -24.57 38.95
CA ILE A 14 -36.62 -23.92 40.26
C ILE A 14 -37.89 -23.15 40.58
N LEU A 15 -38.36 -22.33 39.63
CA LEU A 15 -39.59 -21.57 39.85
C LEU A 15 -40.76 -22.52 40.14
N ASN A 16 -40.77 -23.66 39.43
CA ASN A 16 -41.82 -24.66 39.60
C ASN A 16 -41.76 -25.33 40.96
N LYS A 17 -40.54 -25.65 41.39
CA LYS A 17 -40.30 -26.14 42.77
C LYS A 17 -40.88 -25.16 43.78
N LEU A 18 -40.65 -23.87 43.56
CA LEU A 18 -41.03 -22.81 44.56
C LEU A 18 -42.52 -22.60 44.68
N LEU A 19 -43.23 -22.92 43.60
CA LEU A 19 -44.64 -22.78 43.57
C LEU A 19 -45.20 -23.79 44.56
N ASP A 20 -44.64 -25.02 44.54
CA ASP A 20 -45.07 -26.15 45.37
C ASP A 20 -45.45 -25.71 46.78
N PRO A 21 -46.69 -26.04 47.21
CA PRO A 21 -47.21 -25.54 48.49
C PRO A 21 -46.62 -26.30 49.67
N GLU A 22 -46.31 -27.57 49.44
CA GLU A 22 -45.74 -28.43 50.45
C GLU A 22 -44.20 -28.49 50.49
N LEU A 23 -43.54 -27.58 49.75
CA LEU A 23 -42.06 -27.48 49.80
C LEU A 23 -41.63 -27.24 51.27
N ALA A 24 -40.63 -28.02 51.75
CA ALA A 24 -40.08 -27.78 53.09
C ALA A 24 -39.44 -26.38 53.16
N GLN A 25 -39.49 -25.72 54.32
CA GLN A 25 -38.87 -24.37 54.50
C GLN A 25 -37.38 -24.23 54.06
N SER A 26 -36.54 -25.10 54.62
CA SER A 26 -35.15 -25.33 54.18
C SER A 26 -35.03 -25.45 52.65
N GLU A 27 -35.97 -26.19 52.05
CA GLU A 27 -36.07 -26.34 50.58
C GLU A 27 -36.39 -25.05 49.85
N ARG A 28 -37.37 -24.29 50.36
CA ARG A 28 -37.68 -22.95 49.85
C ARG A 28 -36.46 -21.99 49.87
N THR A 29 -35.71 -22.00 50.99
CA THR A 29 -34.51 -21.12 51.19
C THR A 29 -33.37 -21.47 50.24
N GLU A 30 -33.07 -22.77 50.16
CA GLU A 30 -32.11 -23.35 49.24
C GLU A 30 -32.36 -22.96 47.80
N ALA A 31 -33.59 -23.19 47.32
CA ALA A 31 -34.00 -22.84 45.95
C ALA A 31 -33.89 -21.35 45.69
N LEU A 32 -34.24 -20.54 46.68
CA LEU A 32 -34.06 -19.10 46.52
C LEU A 32 -32.58 -18.73 46.43
N GLN A 33 -31.75 -19.50 47.14
CA GLN A 33 -30.32 -19.25 47.18
C GLN A 33 -29.72 -19.61 45.86
N GLN A 34 -30.16 -20.72 45.28
CA GLN A 34 -29.74 -21.06 43.93
C GLN A 34 -30.07 -19.95 42.94
N LEU A 35 -31.28 -19.38 43.05
CA LEU A 35 -31.71 -18.23 42.19
C LEU A 35 -30.84 -17.01 42.40
N ARG A 36 -30.46 -16.82 43.66
CA ARG A 36 -29.65 -15.70 44.02
C ARG A 36 -28.24 -15.82 43.45
N VAL A 37 -27.59 -16.91 43.78
CA VAL A 37 -26.26 -17.19 43.27
C VAL A 37 -26.25 -17.06 41.73
N ASN A 38 -27.25 -17.67 41.08
CA ASN A 38 -27.27 -17.72 39.63
C ASN A 38 -27.32 -16.33 39.00
N TYR A 39 -28.10 -15.45 39.61
CA TYR A 39 -28.39 -14.17 39.01
C TYR A 39 -27.19 -13.28 39.13
N GLY A 40 -26.45 -13.43 40.24
CA GLY A 40 -25.20 -12.67 40.41
C GLY A 40 -24.17 -13.07 39.34
N SER A 41 -24.10 -14.38 39.08
CA SER A 41 -23.24 -14.90 38.01
C SER A 41 -23.67 -14.44 36.60
N PHE A 42 -24.97 -14.48 36.31
CA PHE A 42 -25.47 -14.02 35.02
C PHE A 42 -25.11 -12.57 34.81
N VAL A 43 -25.39 -11.74 35.80
CA VAL A 43 -25.05 -10.32 35.79
C VAL A 43 -23.53 -10.05 35.56
N SER A 44 -22.71 -10.79 36.29
CA SER A 44 -21.26 -10.74 36.08
C SER A 44 -20.81 -11.16 34.66
N GLU A 45 -21.25 -12.34 34.18
CA GLU A 45 -21.02 -12.75 32.78
C GLU A 45 -21.45 -11.64 31.81
N TYR A 46 -22.64 -11.11 32.02
CA TYR A 46 -23.16 -10.05 31.18
C TYR A 46 -22.25 -8.83 31.14
N ASN A 47 -21.86 -8.32 32.31
CA ASN A 47 -21.01 -7.11 32.35
C ASN A 47 -19.65 -7.30 31.69
N ASP A 48 -19.09 -8.50 31.86
CA ASP A 48 -17.87 -8.90 31.22
C ASP A 48 -18.02 -8.97 29.71
N LEU A 49 -19.21 -9.36 29.25
CA LEU A 49 -19.48 -9.32 27.80
C LEU A 49 -19.56 -7.84 27.37
N THR A 50 -20.26 -7.02 28.17
CA THR A 50 -20.43 -5.58 27.90
C THR A 50 -19.11 -4.78 27.74
N LYS A 51 -18.10 -5.10 28.55
CA LYS A 51 -16.78 -4.48 28.40
C LYS A 51 -16.01 -5.08 27.23
N SER A 52 -16.27 -6.34 26.93
CA SER A 52 -15.55 -7.00 25.86
C SER A 52 -16.07 -6.48 24.51
N HIS A 53 -17.39 -6.29 24.44
CA HIS A 53 -17.99 -5.70 23.25
C HIS A 53 -17.48 -4.29 23.00
N ASN A 54 -17.27 -3.52 24.07
CA ASN A 54 -16.89 -2.12 23.94
C ASN A 54 -15.42 -1.95 23.63
N THR A 55 -14.56 -2.75 24.26
CA THR A 55 -13.13 -2.81 23.90
C THR A 55 -12.95 -3.13 22.40
N LEU A 56 -13.75 -4.08 21.92
CA LEU A 56 -13.81 -4.47 20.52
C LEU A 56 -14.28 -3.32 19.64
N SER A 57 -15.26 -2.54 20.11
CA SER A 57 -15.72 -1.34 19.39
C SER A 57 -14.65 -0.24 19.37
N LYS A 58 -13.96 -0.04 20.49
CA LYS A 58 -12.77 0.83 20.47
C LYS A 58 -11.82 0.38 19.35
N GLU A 59 -11.30 -0.85 19.42
CA GLU A 59 -10.29 -1.36 18.47
C GLU A 59 -10.71 -1.26 17.00
N LEU A 60 -11.96 -1.57 16.69
CA LEU A 60 -12.46 -1.47 15.31
C LEU A 60 -12.48 -0.03 14.81
N ASP A 61 -12.86 0.91 15.68
CA ASP A 61 -12.81 2.34 15.36
C ASP A 61 -11.44 2.93 15.02
N ASN A 62 -10.42 2.50 15.76
CA ASN A 62 -9.04 2.89 15.48
C ASN A 62 -8.58 2.22 14.20
N LEU A 63 -9.03 0.99 13.98
CA LEU A 63 -8.59 0.25 12.80
C LEU A 63 -9.23 0.80 11.51
N ARG A 64 -10.36 1.47 11.64
CA ARG A 64 -10.98 2.14 10.50
C ARG A 64 -10.32 3.48 10.17
N SER A 65 -9.85 4.18 11.21
CA SER A 65 -9.14 5.42 11.03
C SER A 65 -7.74 5.14 10.54
N ARG A 66 -7.04 4.23 11.22
CA ARG A 66 -5.72 3.80 10.81
C ARG A 66 -5.74 3.37 9.31
N PHE A 67 -6.65 2.45 8.96
CA PHE A 67 -6.84 2.04 7.58
C PHE A 67 -7.12 3.25 6.67
N GLY A 68 -8.04 4.11 7.10
CA GLY A 68 -8.47 5.29 6.32
C GLY A 68 -7.34 6.25 5.99
N ASN A 69 -6.44 6.48 6.93
CA ASN A 69 -5.30 7.39 6.73
C ASN A 69 -4.21 6.89 5.79
N LEU A 70 -4.01 5.58 5.77
CA LEU A 70 -2.98 5.01 4.94
C LEU A 70 -3.55 4.73 3.56
N GLU A 71 -4.85 4.61 3.45
CA GLU A 71 -5.44 4.49 2.15
C GLU A 71 -5.52 5.86 1.49
N GLY A 72 -5.68 6.89 2.30
CA GLY A 72 -5.84 8.28 1.78
C GLY A 72 -7.14 8.48 1.01
N ASN A 73 -7.27 9.61 0.29
CA ASN A 73 -8.54 9.90 -0.35
C ASN A 73 -8.83 9.17 -1.66
N THR A 74 -9.63 8.10 -1.57
CA THR A 74 -10.10 7.31 -2.72
C THR A 74 -10.53 8.18 -3.89
N SER A 75 -11.08 9.34 -3.57
CA SER A 75 -11.66 10.25 -4.54
C SER A 75 -10.66 10.80 -5.53
N GLU A 76 -9.45 11.06 -5.10
CA GLU A 76 -8.44 11.60 -6.00
C GLU A 76 -7.50 10.56 -6.66
N ARG A 77 -7.85 9.27 -6.65
CA ARG A 77 -7.11 8.30 -7.43
C ARG A 77 -7.17 8.64 -8.93
N ILE A 78 -6.03 8.66 -9.64
CA ILE A 78 -6.00 8.85 -11.11
C ILE A 78 -6.43 7.55 -11.80
N THR A 79 -7.53 7.59 -12.57
CA THR A 79 -8.01 6.42 -13.37
C THR A 79 -7.50 6.46 -14.85
N ILE A 80 -7.60 5.33 -15.57
CA ILE A 80 -7.45 5.34 -17.04
C ILE A 80 -8.31 6.47 -17.63
N LYS A 81 -9.57 6.56 -17.16
CA LYS A 81 -10.54 7.55 -17.68
C LYS A 81 -10.00 8.95 -17.47
N ASN A 82 -9.55 9.29 -16.26
CA ASN A 82 -8.85 10.58 -15.97
C ASN A 82 -7.68 10.89 -16.92
N ILE A 83 -6.84 9.86 -17.13
CA ILE A 83 -5.63 9.98 -17.93
C ILE A 83 -5.97 10.32 -19.38
N LEU A 84 -6.91 9.58 -19.95
CA LEU A 84 -7.30 9.77 -21.36
C LEU A 84 -7.86 11.18 -21.54
N GLN A 85 -8.75 11.56 -20.63
CA GLN A 85 -9.28 12.92 -20.46
C GLN A 85 -8.20 14.02 -20.44
N SER A 86 -7.29 13.97 -19.47
CA SER A 86 -6.34 15.07 -19.29
C SER A 86 -5.05 14.98 -20.15
N ARG A 87 -4.79 13.85 -20.79
CA ARG A 87 -3.62 13.68 -21.68
C ARG A 87 -3.99 13.14 -23.08
N PRO A 88 -4.32 14.06 -24.00
CA PRO A 88 -4.95 13.64 -25.25
C PRO A 88 -3.99 12.85 -26.09
N ASP A 89 -2.70 12.98 -25.80
CA ASP A 89 -1.72 12.16 -26.51
C ASP A 89 -1.62 10.69 -26.04
N ILE A 90 -2.35 10.29 -25.02
CA ILE A 90 -2.18 8.92 -24.48
C ILE A 90 -3.42 8.12 -24.80
N SER A 91 -3.25 6.93 -25.40
CA SER A 91 -4.42 6.07 -25.71
C SER A 91 -4.67 5.05 -24.61
N ALA A 92 -5.85 4.45 -24.65
CA ALA A 92 -6.17 3.20 -23.92
C ALA A 92 -5.12 2.11 -24.19
N GLU A 93 -4.71 1.94 -25.44
CA GLU A 93 -3.68 0.90 -25.77
C GLU A 93 -2.35 1.10 -25.01
N GLU A 94 -1.92 2.35 -24.92
CA GLU A 94 -0.72 2.72 -24.19
C GLU A 94 -0.87 2.52 -22.72
N CYS A 95 -2.05 2.86 -22.18
CA CYS A 95 -2.37 2.58 -20.77
C CYS A 95 -2.28 1.10 -20.40
N ASN A 96 -2.78 0.28 -21.31
CA ASN A 96 -2.76 -1.15 -21.18
C ASN A 96 -1.36 -1.74 -21.28
N PHE A 97 -0.61 -1.39 -22.34
CA PHE A 97 0.80 -1.73 -22.52
C PHE A 97 1.69 -1.36 -21.29
N LEU A 98 1.42 -0.19 -20.71
CA LEU A 98 2.20 0.34 -19.57
C LEU A 98 1.71 -0.28 -18.25
N MSE A 99 0.58 -0.96 -18.36
CA MSE A 99 0.10 -1.77 -17.27
C MSE A 99 -0.27 -0.86 -16.08
O MSE A 99 -0.14 -1.24 -14.88
CB MSE A 99 1.17 -2.75 -16.87
CG MSE A 99 0.60 -3.94 -16.27
SE MSE A 99 0.10 -5.12 -17.76
CE MSE A 99 2.06 -5.51 -18.15
N VAL A 100 -0.73 0.35 -16.42
CA VAL A 100 -1.15 1.38 -15.42
C VAL A 100 -2.04 0.78 -14.29
N GLU A 101 -3.03 -0.01 -14.68
CA GLU A 101 -4.03 -0.46 -13.75
C GLU A 101 -3.40 -1.39 -12.74
N GLN A 102 -2.30 -2.04 -13.10
CA GLN A 102 -1.65 -2.97 -12.17
C GLN A 102 -1.06 -2.27 -10.89
N ILE A 103 -0.76 -0.98 -11.02
CA ILE A 103 -0.34 -0.14 -9.88
C ILE A 103 -1.39 -0.10 -8.76
N ASP A 104 -2.67 -0.23 -9.11
CA ASP A 104 -3.74 -0.42 -8.12
C ASP A 104 -3.66 -1.76 -7.31
N SER A 105 -2.86 -2.71 -7.76
CA SER A 105 -2.75 -3.92 -6.99
C SER A 105 -1.63 -3.85 -5.97
N ALA A 106 -0.65 -2.98 -6.19
CA ALA A 106 0.55 -2.86 -5.34
C ALA A 106 0.24 -2.48 -3.87
N ASN A 107 0.91 -3.08 -2.92
CA ASN A 107 0.77 -2.65 -1.53
C ASN A 107 1.64 -1.45 -1.18
N LEU A 108 1.46 -0.90 0.02
CA LEU A 108 2.14 0.34 0.39
C LEU A 108 3.63 0.16 0.43
N THR A 109 4.09 -0.98 0.95
CA THR A 109 5.54 -1.25 1.05
C THR A 109 6.24 -1.22 -0.30
N THR A 110 5.59 -1.88 -1.26
CA THR A 110 6.05 -1.90 -2.64
C THR A 110 6.12 -0.53 -3.30
N LEU A 111 5.06 0.24 -3.16
CA LEU A 111 5.07 1.58 -3.70
C LEU A 111 6.11 2.50 -3.02
N GLN A 112 6.20 2.42 -1.71
CA GLN A 112 7.24 3.17 -1.00
C GLN A 112 8.60 2.87 -1.53
N ASN A 113 8.93 1.57 -1.63
CA ASN A 113 10.23 1.15 -2.15
C ASN A 113 10.52 1.60 -3.55
N THR A 114 9.50 1.52 -4.39
CA THR A 114 9.62 1.98 -5.76
C THR A 114 9.97 3.47 -5.83
N VAL A 115 9.28 4.27 -5.04
CA VAL A 115 9.41 5.74 -5.07
C VAL A 115 10.75 6.12 -4.47
N LYS A 116 11.14 5.38 -3.44
CA LYS A 116 12.47 5.61 -2.88
C LYS A 116 13.54 5.44 -3.93
N GLU A 117 13.38 4.42 -4.75
CA GLU A 117 14.38 4.15 -5.78
C GLU A 117 14.42 5.22 -6.90
N ILE A 118 13.25 5.67 -7.34
CA ILE A 118 13.12 6.78 -8.31
C ILE A 118 13.83 8.04 -7.77
N VAL A 119 13.51 8.39 -6.54
CA VAL A 119 14.11 9.61 -5.90
C VAL A 119 15.62 9.50 -5.81
N LEU A 120 16.13 8.33 -5.42
CA LEU A 120 17.60 8.16 -5.38
C LEU A 120 18.19 8.18 -6.77
N ALA A 121 17.47 7.60 -7.72
CA ALA A 121 18.03 7.59 -9.10
C ALA A 121 18.02 8.95 -9.78
N VAL A 122 16.96 9.73 -9.62
CA VAL A 122 16.86 10.96 -10.44
C VAL A 122 17.38 12.17 -9.70
N GLY A 123 17.68 12.03 -8.42
CA GLY A 123 18.27 13.12 -7.59
C GLY A 123 17.34 14.32 -7.42
N ILE A 124 16.06 14.07 -7.19
CA ILE A 124 15.09 15.12 -6.99
C ILE A 124 14.38 14.85 -5.67
N PRO A 125 14.35 15.82 -4.72
CA PRO A 125 13.67 15.51 -3.48
C PRO A 125 12.22 15.04 -3.70
N TYR A 126 11.80 14.09 -2.85
CA TYR A 126 10.49 13.55 -2.90
C TYR A 126 9.36 14.61 -3.00
N PRO A 127 9.39 15.67 -2.15
CA PRO A 127 8.21 16.55 -2.27
C PRO A 127 8.08 17.26 -3.63
N LYS A 128 9.19 17.41 -4.34
CA LYS A 128 9.26 17.99 -5.68
C LYS A 128 9.08 17.03 -6.84
N LEU A 129 8.93 15.76 -6.56
CA LEU A 129 9.10 14.79 -7.63
C LEU A 129 7.97 14.92 -8.68
N ARG A 130 6.71 14.86 -8.27
CA ARG A 130 5.56 14.91 -9.20
C ARG A 130 5.61 16.10 -10.13
N ARG A 131 6.02 17.22 -9.57
CA ARG A 131 6.04 18.50 -10.24
C ARG A 131 7.09 18.45 -11.34
N LYS A 132 8.16 17.70 -11.12
CA LYS A 132 9.29 17.62 -12.05
C LYS A 132 9.21 16.43 -13.02
N ILE A 133 8.26 15.53 -12.79
CA ILE A 133 8.08 14.39 -13.72
C ILE A 133 8.03 14.83 -15.22
N PRO A 134 7.24 15.89 -15.59
CA PRO A 134 7.34 16.37 -16.99
C PRO A 134 8.77 16.71 -17.51
N LEU A 135 9.61 17.34 -16.69
CA LEU A 135 11.04 17.57 -17.02
C LEU A 135 11.87 16.36 -17.31
N LEU A 136 11.59 15.27 -16.62
CA LEU A 136 12.24 13.99 -16.87
C LEU A 136 11.78 13.38 -18.18
N ALA A 137 10.48 13.53 -18.48
CA ALA A 137 9.93 13.03 -19.73
C ALA A 137 10.62 13.72 -20.91
N ILE A 138 10.96 15.00 -20.73
CA ILE A 138 11.55 15.83 -21.76
C ILE A 138 13.01 15.50 -21.99
N LYS A 139 13.79 15.44 -20.90
CA LYS A 139 15.18 14.91 -20.94
C LYS A 139 15.29 13.56 -21.62
N LEU A 140 14.37 12.68 -21.31
CA LEU A 140 14.50 11.33 -21.77
C LEU A 140 13.95 11.17 -23.15
N LYS A 141 12.76 11.70 -23.41
CA LYS A 141 12.17 11.41 -24.71
C LYS A 141 12.57 12.41 -25.81
N TYR A 142 13.06 13.59 -25.44
CA TYR A 142 13.47 14.55 -26.45
C TYR A 142 14.98 14.88 -26.50
N GLU A 143 15.51 15.57 -25.49
CA GLU A 143 16.87 16.07 -25.54
C GLU A 143 17.85 14.97 -25.73
N ASN A 144 17.66 13.87 -25.03
CA ASN A 144 18.58 12.72 -25.17
C ASN A 144 18.62 12.21 -26.59
N ILE A 145 17.44 12.08 -27.18
CA ILE A 145 17.31 11.56 -28.51
C ILE A 145 17.86 12.52 -29.58
N MSE A 146 17.63 13.81 -29.40
CA MSE A 146 18.16 14.82 -30.31
C MSE A 146 19.63 15.00 -30.08
O MSE A 146 20.36 15.35 -31.00
CB MSE A 146 17.56 16.17 -29.99
CG MSE A 146 16.35 16.52 -30.78
SE MSE A 146 15.41 17.65 -29.51
CE MSE A 146 13.63 17.13 -30.21
N LEU A 147 20.03 14.86 -28.83
CA LEU A 147 21.44 15.05 -28.50
C LEU A 147 22.23 13.88 -29.06
N SER A 148 21.68 12.68 -28.93
CA SER A 148 22.35 11.53 -29.46
C SER A 148 22.39 11.58 -30.99
N ASN A 149 21.30 12.03 -31.59
CA ASN A 149 21.18 12.13 -33.06
C ASN A 149 22.26 12.96 -33.74
N PHE A 150 22.42 14.18 -33.22
CA PHE A 150 23.50 15.09 -33.56
C PHE A 150 24.89 14.43 -33.51
N ALA A 151 25.19 13.74 -32.40
CA ALA A 151 26.45 13.01 -32.30
C ALA A 151 26.46 11.90 -33.35
N GLN A 152 25.33 11.20 -33.47
CA GLN A 152 25.19 10.13 -34.46
C GLN A 152 25.37 10.55 -35.94
N ARG A 153 24.57 11.50 -36.43
CA ARG A 153 24.76 12.10 -37.76
C ARG A 153 26.23 12.47 -38.10
N LEU A 154 26.91 13.12 -37.15
CA LEU A 154 28.35 13.49 -37.27
C LEU A 154 29.29 12.28 -37.27
N HIS A 155 29.00 11.29 -36.44
CA HIS A 155 29.79 10.06 -36.42
C HIS A 155 29.70 9.23 -37.70
N ARG A 156 28.54 9.29 -38.36
CA ARG A 156 28.31 8.62 -39.65
C ARG A 156 29.12 9.25 -40.78
N GLN A 157 29.11 10.59 -40.85
CA GLN A 157 29.89 11.28 -41.87
C GLN A 157 31.39 11.34 -41.55
N VAL A 158 31.80 10.87 -40.37
CA VAL A 158 33.24 10.68 -40.10
C VAL A 158 33.69 9.21 -40.37
N TYR A 159 32.71 8.30 -40.55
CA TYR A 159 32.95 6.85 -40.84
C TYR A 159 31.91 6.21 -41.79
N GLU A 162 28.43 5.05 -37.52
CA GLU A 162 27.38 5.02 -36.48
C GLU A 162 27.93 4.46 -35.16
N MSE A 163 27.81 5.25 -34.10
CA MSE A 163 28.24 4.82 -32.79
C MSE A 163 27.30 3.79 -32.23
O MSE A 163 26.10 3.84 -32.50
CB MSE A 163 28.24 5.98 -31.83
CG MSE A 163 29.59 6.56 -31.58
SE MSE A 163 29.40 8.11 -30.44
CE MSE A 163 27.93 9.07 -31.34
N ASN A 164 27.85 2.87 -31.45
CA ASN A 164 27.02 1.90 -30.78
C ASN A 164 26.66 2.35 -29.38
N LEU A 165 25.71 3.28 -29.31
CA LEU A 165 25.34 3.94 -28.07
C LEU A 165 24.80 2.99 -27.03
N LYS A 166 24.17 1.93 -27.48
CA LYS A 166 23.54 1.05 -26.55
C LYS A 166 24.57 0.04 -26.00
N LYS A 167 25.60 -0.28 -26.76
CA LYS A 167 26.76 -1.01 -26.23
C LYS A 167 27.31 -0.21 -25.03
N PHE A 168 27.32 1.14 -25.12
CA PHE A 168 27.84 2.01 -24.07
C PHE A 168 27.04 1.94 -22.83
N THR A 169 25.74 1.96 -23.04
CA THR A 169 24.76 1.90 -21.98
C THR A 169 24.72 0.63 -21.20
N ASP A 170 24.84 -0.47 -21.91
CA ASP A 170 24.83 -1.74 -21.29
C ASP A 170 26.11 -1.90 -20.44
N GLN A 171 27.23 -1.39 -20.93
CA GLN A 171 28.50 -1.43 -20.20
C GLN A 171 28.36 -0.61 -18.90
N ALA A 172 27.69 0.53 -18.97
CA ALA A 172 27.60 1.35 -17.77
C ALA A 172 26.67 0.72 -16.74
N TYR A 173 25.64 0.00 -17.24
CA TYR A 173 24.77 -0.76 -16.35
C TYR A 173 25.53 -1.98 -15.72
N TYR A 174 26.32 -2.69 -16.53
CA TYR A 174 27.21 -3.79 -16.04
C TYR A 174 28.09 -3.27 -14.88
N ASP A 175 28.81 -2.18 -15.16
CA ASP A 175 29.63 -1.46 -14.15
C ASP A 175 28.89 -1.11 -12.84
N PHE A 176 27.67 -0.57 -12.99
CA PHE A 176 26.89 -0.16 -11.85
C PHE A 176 26.46 -1.38 -11.06
N MSE A 177 25.95 -2.39 -11.76
CA MSE A 177 25.60 -3.61 -11.08
C MSE A 177 26.80 -4.26 -10.37
O MSE A 177 26.64 -4.79 -9.26
CB MSE A 177 24.85 -4.60 -11.98
CG MSE A 177 23.42 -4.11 -12.45
SE MSE A 177 22.18 -3.48 -10.99
CE MSE A 177 21.66 -5.31 -10.50
N SER A 178 28.04 -4.23 -10.93
CA SER A 178 29.15 -4.89 -10.17
C SER A 178 29.59 -3.99 -8.97
N THR A 179 29.56 -2.70 -9.17
CA THR A 179 30.01 -1.68 -8.16
C THR A 179 28.94 -1.27 -7.12
N ARG A 180 27.73 -1.03 -7.60
CA ARG A 180 26.62 -0.46 -6.82
C ARG A 180 26.95 0.98 -6.47
N ARG A 181 27.72 1.62 -7.36
CA ARG A 181 28.04 3.05 -7.30
C ARG A 181 27.84 3.70 -8.66
N MSE A 182 26.98 4.71 -8.70
CA MSE A 182 26.74 5.51 -9.89
C MSE A 182 27.91 6.40 -10.10
O MSE A 182 28.20 6.78 -11.23
CB MSE A 182 25.53 6.40 -9.67
CG MSE A 182 24.22 5.70 -9.94
SE MSE A 182 24.15 4.93 -11.77
CE MSE A 182 24.11 6.62 -12.72
N ASP A 183 28.52 6.76 -8.99
CA ASP A 183 29.74 7.57 -8.86
C ASP A 183 30.78 7.40 -9.91
N SER A 184 31.17 6.15 -10.03
CA SER A 184 32.40 5.76 -10.63
C SER A 184 32.00 4.73 -11.63
N ILE A 185 31.02 5.09 -12.46
CA ILE A 185 30.86 4.48 -13.76
C ILE A 185 31.83 5.24 -14.68
N ASP A 186 32.59 4.51 -15.49
CA ASP A 186 33.32 5.11 -16.60
C ASP A 186 32.56 4.81 -17.87
N HIS A 187 31.79 5.79 -18.29
CA HIS A 187 30.95 5.66 -19.47
C HIS A 187 31.82 5.85 -20.73
N HIS A 188 31.86 4.82 -21.58
CA HIS A 188 32.75 4.84 -22.74
C HIS A 188 32.31 5.84 -23.80
N LEU A 189 31.07 6.30 -23.67
CA LEU A 189 30.51 7.34 -24.52
C LEU A 189 31.42 8.57 -24.48
N GLU A 190 31.78 9.00 -23.27
CA GLU A 190 32.71 10.12 -23.04
C GLU A 190 33.94 10.03 -23.93
N ARG A 191 34.59 8.85 -23.92
CA ARG A 191 35.85 8.67 -24.62
C ARG A 191 35.67 8.80 -26.12
N CYS A 192 34.68 8.08 -26.62
CA CYS A 192 34.43 8.06 -28.04
C CYS A 192 33.96 9.43 -28.54
N LEU A 193 33.30 10.20 -27.68
CA LEU A 193 32.87 11.55 -28.08
C LEU A 193 34.06 12.49 -28.32
N ASP A 194 35.14 12.28 -27.58
CA ASP A 194 36.31 13.11 -27.71
C ASP A 194 37.13 12.68 -28.91
N HIS A 195 37.08 11.38 -29.21
CA HIS A 195 37.67 10.91 -30.46
C HIS A 195 36.90 11.46 -31.66
N LEU A 196 35.63 11.83 -31.46
CA LEU A 196 34.85 12.47 -32.54
C LEU A 196 35.04 13.98 -32.51
N TYR A 197 35.56 14.50 -31.41
CA TYR A 197 35.80 15.93 -31.23
C TYR A 197 36.76 16.49 -32.29
N ASP A 198 37.47 15.61 -32.98
CA ASP A 198 38.51 15.99 -33.96
C ASP A 198 38.79 14.84 -34.92
#